data_4ICI
#
_entry.id   4ICI
#
_cell.length_a   85.625
_cell.length_b   85.625
_cell.length_c   58.134
_cell.angle_alpha   90.000
_cell.angle_beta   90.000
_cell.angle_gamma   90.000
#
_symmetry.space_group_name_H-M   'I 41'
#
loop_
_entity.id
_entity.type
_entity.pdbx_description
1 polymer 'Putative flavoprotein'
2 non-polymer 'FLAVIN MONONUCLEOTIDE'
3 non-polymer 'UNKNOWN LIGAND'
4 non-polymer '4-(2-HYDROXYETHYL)-1-PIPERAZINE ETHANESULFONIC ACID'
5 non-polymer 1,2-ETHANEDIOL
6 water water
#
_entity_poly.entity_id   1
_entity_poly.type   'polypeptide(L)'
_entity_poly.pdbx_seq_one_letter_code
;GQQKQK(MSE)NSKHSNSKILVAYFSATGTTARAAEKLGAAVGGDLYPIAPAQPYTSADLDWNNKRSRSSVE(MSE)NDP
K(MSE)RPAIKSKKENIGTYDVVFIGYPIWWDLAPRIINTFIEGHSLKGKTVVPFATSGGSSIGNSATVLKKTYPDLNWK
EGRLLNRTDEKAIRAWLDVIAVK
;
_entity_poly.pdbx_strand_id   A
#
loop_
_chem_comp.id
_chem_comp.type
_chem_comp.name
_chem_comp.formula
EDO non-polymer 1,2-ETHANEDIOL 'C2 H6 O2'
EPE non-polymer '4-(2-HYDROXYETHYL)-1-PIPERAZINE ETHANESULFONIC ACID' 'C8 H18 N2 O4 S'
FMN non-polymer 'FLAVIN MONONUCLEOTIDE' 'C17 H21 N4 O9 P'
UNL non-polymer 'UNKNOWN LIGAND' ?
#
# COMPACT_ATOMS: atom_id res chain seq x y z
N ASN A 13 -10.78 21.14 3.09
CA ASN A 13 -10.54 19.72 2.70
C ASN A 13 -9.19 19.21 3.22
N SER A 14 -9.04 17.89 3.20
CA SER A 14 -7.87 17.24 3.75
C SER A 14 -6.59 17.46 2.92
N LYS A 15 -5.43 17.43 3.58
CA LYS A 15 -4.18 17.22 2.86
C LYS A 15 -3.99 15.69 2.70
N ILE A 16 -3.87 15.24 1.47
CA ILE A 16 -3.92 13.82 1.11
C ILE A 16 -2.58 13.36 0.56
N LEU A 17 -2.08 12.25 1.11
CA LEU A 17 -0.96 11.51 0.57
C LEU A 17 -1.41 10.17 0.04
N VAL A 18 -0.90 9.84 -1.15
CA VAL A 18 -1.06 8.53 -1.76
C VAL A 18 0.32 7.86 -1.71
N ALA A 19 0.51 7.01 -0.72
CA ALA A 19 1.74 6.22 -0.58
C ALA A 19 1.50 4.88 -1.26
N TYR A 20 2.52 4.36 -1.95
CA TYR A 20 2.34 3.10 -2.63
C TYR A 20 3.64 2.39 -2.87
N PHE A 21 3.55 1.06 -2.86
CA PHE A 21 4.61 0.19 -3.33
C PHE A 21 4.14 -0.44 -4.65
N SER A 22 5.04 -0.48 -5.62
CA SER A 22 4.78 -1.12 -6.89
C SER A 22 6.06 -1.78 -7.37
N ALA A 23 5.98 -3.08 -7.63
CA ALA A 23 7.15 -3.81 -8.14
C ALA A 23 7.24 -3.82 -9.65
N THR A 24 6.10 -3.92 -10.34
CA THR A 24 6.07 -3.89 -11.80
C THR A 24 5.20 -2.82 -12.46
N GLY A 25 4.86 -1.78 -11.71
CA GLY A 25 4.21 -0.61 -12.29
C GLY A 25 2.69 -0.55 -12.19
N THR A 26 2.03 -1.70 -11.97
CA THR A 26 0.57 -1.76 -12.02
C THR A 26 -0.06 -0.91 -10.92
N THR A 27 0.46 -1.06 -9.71
CA THR A 27 -0.03 -0.29 -8.58
C THR A 27 0.36 1.18 -8.71
N ALA A 28 1.53 1.45 -9.29
CA ALA A 28 1.91 2.84 -9.53
C ALA A 28 0.86 3.55 -10.42
N ARG A 29 0.38 2.85 -11.44
CA ARG A 29 -0.60 3.44 -12.33
C ARG A 29 -1.92 3.69 -11.61
N ALA A 30 -2.33 2.75 -10.76
CA ALA A 30 -3.52 2.94 -9.93
C ALA A 30 -3.34 4.15 -9.00
N ALA A 31 -2.18 4.21 -8.36
CA ALA A 31 -1.86 5.32 -7.47
C ALA A 31 -1.92 6.68 -8.18
N GLU A 32 -1.39 6.72 -9.38
CA GLU A 32 -1.38 7.96 -10.17
C GLU A 32 -2.79 8.44 -10.48
N LYS A 33 -3.67 7.50 -10.85
CA LYS A 33 -5.07 7.84 -11.10
C LYS A 33 -5.74 8.36 -9.82
N LEU A 34 -5.49 7.65 -8.70
CA LEU A 34 -6.06 8.08 -7.42
C LEU A 34 -5.58 9.48 -7.02
N GLY A 35 -4.27 9.70 -7.09
CA GLY A 35 -3.72 11.00 -6.72
C GLY A 35 -4.26 12.12 -7.61
N ALA A 36 -4.35 11.86 -8.92
CA ALA A 36 -4.92 12.83 -9.87
C ALA A 36 -6.36 13.16 -9.50
N ALA A 37 -7.11 12.15 -9.08
CA ALA A 37 -8.54 12.33 -8.83
C ALA A 37 -8.77 13.20 -7.59
N VAL A 38 -7.94 13.01 -6.58
CA VAL A 38 -8.11 13.69 -5.28
C VAL A 38 -7.18 14.89 -5.08
N GLY A 39 -6.29 15.15 -6.04
CA GLY A 39 -5.29 16.19 -5.88
C GLY A 39 -4.30 15.90 -4.78
N GLY A 40 -3.97 14.62 -4.62
CA GLY A 40 -3.07 14.19 -3.58
C GLY A 40 -1.61 14.15 -4.03
N ASP A 41 -0.71 14.30 -3.08
CA ASP A 41 0.71 14.06 -3.31
C ASP A 41 0.91 12.57 -3.40
N LEU A 42 1.86 12.12 -4.22
CA LEU A 42 2.24 10.72 -4.27
C LEU A 42 3.61 10.51 -3.64
N TYR A 43 3.74 9.40 -2.90
CA TYR A 43 4.97 8.97 -2.28
C TYR A 43 5.23 7.51 -2.68
N PRO A 44 6.14 7.30 -3.65
CA PRO A 44 6.55 5.95 -3.95
C PRO A 44 7.39 5.39 -2.80
N ILE A 45 6.97 4.23 -2.29
CA ILE A 45 7.70 3.52 -1.24
C ILE A 45 8.76 2.70 -1.97
N ALA A 46 10.00 3.21 -1.98
CA ALA A 46 11.05 2.63 -2.77
C ALA A 46 11.89 1.69 -1.93
N PRO A 47 11.97 0.43 -2.33
CA PRO A 47 12.86 -0.47 -1.61
C PRO A 47 14.33 -0.08 -1.73
N ALA A 48 15.07 -0.21 -0.63
CA ALA A 48 16.49 0.02 -0.66
C ALA A 48 17.21 -0.95 -1.61
N GLN A 49 16.70 -2.17 -1.72
CA GLN A 49 17.16 -3.14 -2.70
C GLN A 49 16.01 -3.46 -3.62
N PRO A 50 16.07 -2.98 -4.88
CA PRO A 50 14.98 -3.26 -5.83
C PRO A 50 14.65 -4.74 -6.01
N TYR A 51 13.37 -5.01 -6.31
CA TYR A 51 12.91 -6.36 -6.60
C TYR A 51 13.14 -6.69 -8.06
N THR A 52 13.87 -7.77 -8.28
CA THR A 52 14.10 -8.33 -9.61
C THR A 52 12.96 -9.27 -10.01
N SER A 53 12.92 -9.64 -11.29
CA SER A 53 11.95 -10.65 -11.73
CA SER A 53 11.97 -10.66 -11.76
C SER A 53 12.10 -11.95 -10.95
N ALA A 54 13.36 -12.36 -10.71
CA ALA A 54 13.59 -13.56 -9.92
C ALA A 54 13.02 -13.44 -8.51
N ASP A 55 13.20 -12.27 -7.90
CA ASP A 55 12.66 -12.01 -6.58
C ASP A 55 11.16 -12.23 -6.52
N LEU A 56 10.48 -11.90 -7.64
CA LEU A 56 9.02 -11.96 -7.74
C LEU A 56 8.46 -13.31 -8.20
N ASP A 57 9.31 -14.33 -8.27
CA ASP A 57 8.89 -15.63 -8.77
C ASP A 57 8.16 -16.38 -7.66
N TRP A 58 6.82 -16.33 -7.71
CA TRP A 58 5.99 -17.03 -6.73
C TRP A 58 5.98 -18.55 -6.87
N ASN A 59 6.58 -19.06 -7.93
CA ASN A 59 6.72 -20.52 -8.13
C ASN A 59 8.00 -21.06 -7.51
N ASN A 60 8.85 -20.17 -6.98
CA ASN A 60 10.10 -20.58 -6.34
C ASN A 60 9.97 -20.30 -4.86
N LYS A 61 9.92 -21.36 -4.06
CA LYS A 61 9.81 -21.25 -2.60
C LYS A 61 11.00 -20.52 -1.96
N ARG A 62 12.11 -20.41 -2.69
CA ARG A 62 13.31 -19.74 -2.20
C ARG A 62 13.46 -18.31 -2.74
N SER A 63 12.51 -17.83 -3.53
CA SER A 63 12.59 -16.44 -4.00
C SER A 63 12.46 -15.47 -2.84
N ARG A 64 12.97 -14.26 -3.07
CA ARG A 64 12.91 -13.23 -2.05
C ARG A 64 11.46 -13.00 -1.58
N SER A 65 10.54 -12.94 -2.54
CA SER A 65 9.15 -12.68 -2.17
C SER A 65 8.53 -13.86 -1.40
N SER A 66 8.90 -15.09 -1.75
CA SER A 66 8.38 -16.24 -1.00
C SER A 66 8.87 -16.23 0.43
N VAL A 67 10.16 -15.96 0.61
CA VAL A 67 10.79 -15.91 1.94
C VAL A 67 10.14 -14.80 2.78
N GLU A 68 9.89 -13.66 2.15
CA GLU A 68 9.21 -12.53 2.82
CA GLU A 68 9.30 -12.55 2.86
C GLU A 68 7.85 -12.91 3.29
N MSE A 69 7.09 -13.53 2.41
CA MSE A 69 5.73 -13.79 2.74
C MSE A 69 5.63 -14.89 3.82
O MSE A 69 4.69 -14.89 4.62
CB MSE A 69 4.95 -14.01 1.45
CG MSE A 69 4.86 -12.68 0.53
SE MSE A 69 4.69 -10.92 1.36
CE MSE A 69 2.99 -11.04 2.15
N ASN A 70 6.64 -15.76 3.94
CA ASN A 70 6.71 -16.73 5.02
C ASN A 70 7.19 -16.21 6.37
N ASP A 71 7.65 -14.97 6.41
CA ASP A 71 8.19 -14.36 7.62
C ASP A 71 7.44 -13.05 7.93
N PRO A 72 6.41 -13.13 8.77
CA PRO A 72 5.65 -11.93 9.06
C PRO A 72 6.38 -10.84 9.83
N LYS A 73 7.58 -11.13 10.33
CA LYS A 73 8.34 -10.12 11.04
CA LYS A 73 8.38 -10.16 11.05
C LYS A 73 9.37 -9.42 10.11
N MSE A 74 9.50 -9.90 8.87
CA MSE A 74 10.47 -9.27 7.99
CA MSE A 74 10.41 -9.30 7.89
C MSE A 74 9.99 -7.87 7.60
O MSE A 74 8.78 -7.61 7.42
CB MSE A 74 10.72 -10.12 6.76
CB MSE A 74 10.38 -10.10 6.58
CG MSE A 74 11.96 -9.63 6.02
CG MSE A 74 11.35 -9.62 5.50
SE MSE A 74 12.30 -10.76 4.53
SE MSE A 74 13.16 -10.07 5.96
CE MSE A 74 12.16 -12.44 5.31
CE MSE A 74 13.04 -11.95 5.48
N ARG A 75 10.96 -6.96 7.51
CA ARG A 75 10.73 -5.55 7.24
C ARG A 75 11.70 -5.06 6.15
N PRO A 76 11.32 -5.32 4.89
CA PRO A 76 12.17 -4.88 3.79
C PRO A 76 12.47 -3.41 3.89
N ALA A 77 13.73 -3.06 3.71
CA ALA A 77 14.20 -1.71 3.94
C ALA A 77 13.70 -0.75 2.86
N ILE A 78 13.36 0.45 3.32
CA ILE A 78 12.89 1.55 2.46
C ILE A 78 14.05 2.54 2.27
N LYS A 79 14.23 3.02 1.05
CA LYS A 79 15.28 4.00 0.75
CA LYS A 79 15.29 3.96 0.75
C LYS A 79 15.20 5.26 1.58
N SER A 80 14.05 5.92 1.50
CA SER A 80 13.87 7.26 2.09
CA SER A 80 13.89 7.21 2.16
C SER A 80 12.47 7.39 2.64
N LYS A 81 12.35 7.87 3.88
CA LYS A 81 11.04 8.16 4.45
C LYS A 81 10.43 9.42 3.85
N LYS A 82 9.11 9.52 4.01
CA LYS A 82 8.39 10.73 3.67
C LYS A 82 8.54 11.75 4.80
N GLU A 83 9.39 12.75 4.58
CA GLU A 83 9.80 13.62 5.69
C GLU A 83 8.68 14.50 6.28
N ASN A 84 7.75 14.93 5.43
CA ASN A 84 6.63 15.79 5.87
C ASN A 84 5.35 15.00 6.17
N ILE A 85 5.47 13.72 6.49
CA ILE A 85 4.31 12.88 6.75
C ILE A 85 3.35 13.51 7.78
N GLY A 86 3.89 14.26 8.74
CA GLY A 86 3.07 14.90 9.77
C GLY A 86 1.99 15.83 9.25
N THR A 87 2.20 16.41 8.07
CA THR A 87 1.29 17.40 7.50
C THR A 87 -0.02 16.82 6.92
N TYR A 88 -0.05 15.50 6.71
CA TYR A 88 -1.18 14.89 6.00
C TYR A 88 -2.29 14.49 6.94
N ASP A 89 -3.52 14.68 6.49
CA ASP A 89 -4.72 14.25 7.19
C ASP A 89 -5.17 12.86 6.80
N VAL A 90 -4.96 12.49 5.53
CA VAL A 90 -5.41 11.22 4.97
C VAL A 90 -4.20 10.61 4.26
N VAL A 91 -3.96 9.33 4.51
CA VAL A 91 -2.88 8.61 3.84
C VAL A 91 -3.48 7.34 3.23
N PHE A 92 -3.51 7.29 1.88
CA PHE A 92 -3.84 6.07 1.17
C PHE A 92 -2.55 5.25 1.10
N ILE A 93 -2.68 3.93 1.25
CA ILE A 93 -1.54 3.03 1.21
C ILE A 93 -1.82 1.94 0.19
N GLY A 94 -1.10 1.96 -0.94
CA GLY A 94 -1.33 1.05 -2.01
C GLY A 94 -0.25 0.02 -2.21
N TYR A 95 -0.66 -1.14 -2.72
CA TYR A 95 0.24 -2.29 -2.88
C TYR A 95 -0.33 -3.28 -3.87
N PRO A 96 0.54 -4.10 -4.45
CA PRO A 96 0.10 -5.32 -5.12
C PRO A 96 -0.26 -6.37 -4.07
N ILE A 97 -1.25 -7.18 -4.33
CA ILE A 97 -1.59 -8.33 -3.46
CA ILE A 97 -1.53 -8.27 -3.40
C ILE A 97 -0.55 -9.42 -3.68
N TRP A 98 0.15 -9.84 -2.64
CA TRP A 98 1.10 -10.94 -2.66
C TRP A 98 0.64 -12.01 -1.68
N TRP A 99 0.28 -13.19 -2.20
CA TRP A 99 -0.23 -14.28 -1.37
C TRP A 99 -1.37 -13.80 -0.45
N ASP A 100 -2.29 -13.03 -1.03
CA ASP A 100 -3.48 -12.51 -0.34
C ASP A 100 -3.17 -11.54 0.80
N LEU A 101 -1.97 -10.97 0.78
CA LEU A 101 -1.51 -10.05 1.81
C LEU A 101 -0.87 -8.81 1.20
N ALA A 102 -0.68 -7.79 2.04
CA ALA A 102 0.22 -6.69 1.69
C ALA A 102 1.67 -7.18 1.73
N PRO A 103 2.48 -6.79 0.74
CA PRO A 103 3.92 -7.00 0.86
C PRO A 103 4.47 -6.44 2.16
N ARG A 104 5.49 -7.12 2.70
CA ARG A 104 6.02 -6.71 3.99
C ARG A 104 6.62 -5.30 4.03
N ILE A 105 7.01 -4.76 2.88
CA ILE A 105 7.47 -3.37 2.87
C ILE A 105 6.37 -2.39 3.29
N ILE A 106 5.11 -2.79 3.16
CA ILE A 106 4.01 -1.98 3.68
C ILE A 106 4.09 -1.89 5.21
N ASN A 107 4.42 -2.99 5.85
CA ASN A 107 4.66 -2.98 7.29
C ASN A 107 5.85 -2.06 7.63
N THR A 108 6.93 -2.13 6.84
CA THR A 108 8.06 -1.22 7.08
C THR A 108 7.60 0.25 7.01
N PHE A 109 6.77 0.56 6.01
CA PHE A 109 6.26 1.90 5.86
C PHE A 109 5.43 2.35 7.07
N ILE A 110 4.46 1.52 7.47
CA ILE A 110 3.54 1.88 8.55
C ILE A 110 4.33 2.06 9.86
N GLU A 111 5.29 1.16 10.11
CA GLU A 111 6.02 1.20 11.37
C GLU A 111 7.05 2.33 11.44
N GLY A 112 7.41 2.89 10.30
CA GLY A 112 8.41 3.94 10.24
C GLY A 112 7.87 5.35 10.11
N HIS A 113 6.54 5.49 9.95
CA HIS A 113 5.90 6.78 9.80
C HIS A 113 4.79 6.90 10.87
N SER A 114 4.69 8.02 11.56
CA SER A 114 3.60 8.20 12.50
C SER A 114 2.31 8.49 11.74
N LEU A 115 1.36 7.58 11.87
CA LEU A 115 0.07 7.70 11.22
C LEU A 115 -1.05 7.91 12.23
N LYS A 116 -0.68 8.06 13.50
CA LYS A 116 -1.63 8.43 14.56
C LYS A 116 -2.41 9.69 14.22
N GLY A 117 -3.73 9.62 14.39
CA GLY A 117 -4.60 10.74 14.12
C GLY A 117 -5.08 10.89 12.70
N LYS A 118 -4.46 10.17 11.77
CA LYS A 118 -4.80 10.28 10.37
C LYS A 118 -5.85 9.23 9.96
N THR A 119 -6.51 9.51 8.84
CA THR A 119 -7.37 8.53 8.19
C THR A 119 -6.45 7.72 7.29
N VAL A 120 -6.49 6.38 7.40
CA VAL A 120 -5.59 5.49 6.64
C VAL A 120 -6.47 4.55 5.80
N VAL A 121 -6.19 4.46 4.50
CA VAL A 121 -7.07 3.77 3.55
C VAL A 121 -6.22 2.92 2.60
N PRO A 122 -6.39 1.59 2.63
CA PRO A 122 -5.60 0.78 1.70
C PRO A 122 -6.20 0.79 0.29
N PHE A 123 -5.37 0.51 -0.69
CA PHE A 123 -5.83 0.18 -2.02
C PHE A 123 -4.86 -0.80 -2.64
N ALA A 124 -5.27 -1.47 -3.71
CA ALA A 124 -4.43 -2.53 -4.25
C ALA A 124 -4.69 -2.80 -5.71
N THR A 125 -3.73 -3.47 -6.31
CA THR A 125 -3.96 -4.17 -7.57
C THR A 125 -3.63 -5.64 -7.38
N SER A 126 -4.16 -6.51 -8.27
CA SER A 126 -4.00 -7.95 -8.11
C SER A 126 -4.26 -8.64 -9.42
N GLY A 127 -3.96 -9.92 -9.40
CA GLY A 127 -4.30 -10.83 -10.49
C GLY A 127 -5.68 -11.45 -10.37
N GLY A 128 -6.51 -10.92 -9.49
CA GLY A 128 -7.84 -11.49 -9.25
C GLY A 128 -8.30 -11.46 -7.80
N SER A 129 -7.36 -11.63 -6.87
CA SER A 129 -7.75 -11.63 -5.47
C SER A 129 -8.36 -10.31 -5.09
N SER A 130 -9.33 -10.37 -4.17
CA SER A 130 -9.92 -9.19 -3.58
C SER A 130 -8.95 -8.59 -2.57
N ILE A 131 -9.18 -7.34 -2.23
CA ILE A 131 -8.35 -6.67 -1.24
C ILE A 131 -8.67 -7.08 0.19
N GLY A 132 -9.84 -7.67 0.42
CA GLY A 132 -10.34 -7.85 1.78
C GLY A 132 -9.40 -8.50 2.77
N ASN A 133 -8.81 -9.63 2.37
CA ASN A 133 -7.92 -10.32 3.31
C ASN A 133 -6.73 -9.47 3.75
N SER A 134 -6.11 -8.84 2.77
CA SER A 134 -4.91 -8.06 3.07
C SER A 134 -5.27 -6.91 3.98
N ALA A 135 -6.42 -6.26 3.71
CA ALA A 135 -6.87 -5.14 4.52
C ALA A 135 -7.25 -5.57 5.94
N THR A 136 -7.88 -6.72 6.06
CA THR A 136 -8.22 -7.27 7.39
C THR A 136 -6.96 -7.51 8.20
N VAL A 137 -5.96 -8.15 7.59
CA VAL A 137 -4.71 -8.44 8.32
C VAL A 137 -4.00 -7.13 8.73
N LEU A 138 -3.97 -6.13 7.84
CA LEU A 138 -3.37 -4.87 8.21
C LEU A 138 -4.12 -4.19 9.37
N LYS A 139 -5.44 -4.20 9.33
CA LYS A 139 -6.25 -3.57 10.39
C LYS A 139 -6.02 -4.26 11.74
N LYS A 140 -5.91 -5.60 11.71
CA LYS A 140 -5.65 -6.35 12.93
C LYS A 140 -4.22 -6.15 13.45
N THR A 141 -3.28 -5.95 12.53
CA THR A 141 -1.89 -5.71 12.91
C THR A 141 -1.67 -4.32 13.54
N TYR A 142 -2.43 -3.34 13.04
CA TYR A 142 -2.26 -1.93 13.44
C TYR A 142 -3.61 -1.37 13.89
N PRO A 143 -4.16 -1.91 14.98
CA PRO A 143 -5.54 -1.58 15.35
C PRO A 143 -5.73 -0.18 15.92
N ASP A 144 -4.64 0.48 16.30
CA ASP A 144 -4.72 1.85 16.81
C ASP A 144 -4.91 2.87 15.73
N LEU A 145 -4.67 2.51 14.47
CA LEU A 145 -4.91 3.43 13.37
C LEU A 145 -6.36 3.54 12.98
N ASN A 146 -6.70 4.68 12.36
CA ASN A 146 -8.07 4.92 11.90
C ASN A 146 -8.24 4.43 10.46
N TRP A 147 -8.48 3.13 10.33
CA TRP A 147 -8.61 2.48 9.02
C TRP A 147 -9.99 2.67 8.46
N LYS A 148 -10.05 2.97 7.17
CA LYS A 148 -11.29 2.94 6.41
C LYS A 148 -11.20 1.90 5.34
N GLU A 149 -12.33 1.54 4.76
CA GLU A 149 -12.41 0.50 3.77
CA GLU A 149 -12.40 0.49 3.76
C GLU A 149 -11.81 0.97 2.44
N GLY A 150 -10.96 0.11 1.90
CA GLY A 150 -10.28 0.38 0.65
C GLY A 150 -10.90 -0.38 -0.50
N ARG A 151 -10.21 -0.29 -1.65
CA ARG A 151 -10.68 -0.90 -2.88
C ARG A 151 -9.55 -1.46 -3.69
N LEU A 152 -9.90 -2.50 -4.44
CA LEU A 152 -9.10 -3.02 -5.52
C LEU A 152 -9.30 -2.09 -6.70
N LEU A 153 -8.19 -1.57 -7.22
CA LEU A 153 -8.18 -0.61 -8.31
C LEU A 153 -7.55 -1.18 -9.61
N ASN A 154 -7.87 -2.42 -9.92
CA ASN A 154 -7.40 -3.01 -11.18
C ASN A 154 -7.95 -2.28 -12.39
N ARG A 155 -9.20 -1.89 -12.32
CA ARG A 155 -9.79 -1.07 -13.37
C ARG A 155 -10.52 0.03 -12.65
N THR A 156 -10.04 1.25 -12.80
CA THR A 156 -10.68 2.35 -12.13
C THR A 156 -10.71 3.60 -13.00
N ASP A 157 -11.50 4.55 -12.55
CA ASP A 157 -11.61 5.86 -13.15
C ASP A 157 -12.09 6.84 -12.10
N GLU A 158 -12.11 8.10 -12.47
CA GLU A 158 -12.40 9.16 -11.56
C GLU A 158 -13.80 9.00 -10.96
N LYS A 159 -14.80 8.62 -11.76
CA LYS A 159 -16.16 8.48 -11.26
C LYS A 159 -16.25 7.38 -10.21
N ALA A 160 -15.53 6.29 -10.44
CA ALA A 160 -15.56 5.18 -9.48
C ALA A 160 -14.81 5.56 -8.20
N ILE A 161 -13.69 6.27 -8.35
CA ILE A 161 -12.94 6.74 -7.19
C ILE A 161 -13.80 7.68 -6.35
N ARG A 162 -14.46 8.62 -7.00
CA ARG A 162 -15.28 9.58 -6.27
C ARG A 162 -16.41 8.88 -5.52
N ALA A 163 -17.02 7.87 -6.12
CA ALA A 163 -18.12 7.15 -5.47
C ALA A 163 -17.60 6.43 -4.21
N TRP A 164 -16.48 5.72 -4.34
CA TRP A 164 -15.83 5.09 -3.20
C TRP A 164 -15.58 6.09 -2.06
N LEU A 165 -14.98 7.23 -2.40
CA LEU A 165 -14.63 8.20 -1.36
C LEU A 165 -15.84 8.86 -0.69
N ASP A 166 -16.94 8.95 -1.41
CA ASP A 166 -18.19 9.39 -0.78
C ASP A 166 -18.73 8.34 0.19
N VAL A 167 -18.66 7.08 -0.19
CA VAL A 167 -19.11 5.99 0.72
C VAL A 167 -18.34 6.02 2.03
N ILE A 168 -17.01 6.15 1.94
CA ILE A 168 -16.17 6.10 3.13
C ILE A 168 -15.97 7.47 3.80
N ALA A 169 -16.59 8.50 3.23
CA ALA A 169 -16.55 9.87 3.78
C ALA A 169 -15.13 10.44 3.90
N VAL A 170 -14.38 10.34 2.81
CA VAL A 170 -13.08 11.00 2.66
C VAL A 170 -13.16 12.12 1.66
N LYS A 171 -12.66 13.30 2.05
CA LYS A 171 -12.71 14.49 1.18
C LYS A 171 -11.47 15.37 1.36
N1 FMN B . -2.47 -11.74 -7.45
C2 FMN B . -3.60 -12.20 -6.84
O2 FMN B . -4.70 -11.98 -7.37
N3 FMN B . -3.51 -12.89 -5.65
C4 FMN B . -2.31 -13.19 -5.04
O4 FMN B . -2.35 -13.78 -3.94
C4A FMN B . -1.13 -12.75 -5.69
N5 FMN B . 0.13 -13.06 -5.14
C5A FMN B . 1.27 -12.55 -5.81
C6 FMN B . 2.53 -12.81 -5.26
C7 FMN B . 3.66 -12.32 -5.88
C7M FMN B . 5.01 -12.55 -5.26
C8 FMN B . 3.56 -11.57 -7.03
C8M FMN B . 4.81 -11.06 -7.71
C9 FMN B . 2.31 -11.32 -7.58
C9A FMN B . 1.14 -11.79 -6.96
N10 FMN B . -0.13 -11.55 -7.51
C10 FMN B . -1.26 -12.01 -6.87
C1' FMN B . -0.27 -10.69 -8.74
C2' FMN B . -0.13 -9.20 -8.33
O2' FMN B . -0.96 -8.81 -7.26
C3' FMN B . -0.52 -8.26 -9.49
O3' FMN B . 0.13 -8.68 -10.73
C4' FMN B . -0.28 -6.75 -9.18
O4' FMN B . -1.06 -6.01 -10.10
C5' FMN B . 1.24 -6.38 -9.42
O5' FMN B . 1.34 -5.02 -9.11
P FMN B . 2.67 -4.17 -9.39
O1P FMN B . 2.82 -4.18 -10.92
O2P FMN B . 2.51 -2.86 -8.77
O3P FMN B . 3.88 -4.84 -8.73
O1 UNL C . -0.70 -16.94 -5.56
O2 UNL C . 0.43 -16.26 -6.09
O3 UNL C . -0.24 -15.45 -7.65
O4 UNL C . -0.37 -14.54 -9.11
O5 UNL C . -1.03 -13.67 -10.53
O6 UNL C . -2.50 -14.71 -9.04
N1 EPE D . 17.66 -9.51 1.28
N1 EPE D . 17.58 -9.48 0.80
C2 EPE D . 18.98 -8.94 0.91
C2 EPE D . 18.93 -8.88 0.92
C3 EPE D . 20.00 -10.08 0.87
C3 EPE D . 19.97 -9.99 0.98
N4 EPE D . 19.61 -11.07 -0.11
N4 EPE D . 19.55 -11.19 0.28
C5 EPE D . 18.34 -11.65 0.26
C5 EPE D . 18.81 -10.77 -0.89
C6 EPE D . 17.27 -10.57 0.34
C6 EPE D . 17.46 -10.19 -0.49
C7 EPE D . 19.57 -10.34 -1.32
C7 EPE D . 20.69 -12.00 -0.12
C8 EPE D . 19.36 -11.16 -2.57
C8 EPE D . 21.29 -11.46 -1.41
O8 EPE D . 19.41 -10.42 -3.76
O8 EPE D . 21.25 -12.45 -2.37
C9 EPE D . 16.61 -8.47 1.24
C9 EPE D . 16.57 -8.42 0.86
C10 EPE D . 16.79 -7.50 2.41
C10 EPE D . 16.87 -7.46 2.02
S EPE D . 15.42 -6.36 2.57
S EPE D . 15.44 -6.44 2.42
O1S EPE D . 15.68 -5.37 3.64
O1S EPE D . 15.73 -5.53 3.54
O2S EPE D . 15.11 -5.77 1.35
O2S EPE D . 14.35 -7.35 2.80
O3S EPE D . 14.37 -7.30 3.04
O3S EPE D . 15.03 -5.66 1.28
C1 EDO E . 8.88 2.91 -5.97
O1 EDO E . 9.89 1.91 -6.20
C2 EDO E . 7.47 2.34 -5.70
O2 EDO E . 7.47 1.10 -5.03
C1 EDO F . 3.64 -18.52 1.52
O1 EDO F . 3.84 -17.52 2.53
C2 EDO F . 4.19 -17.99 0.23
O2 EDO F . 5.51 -18.50 0.07
C1 EDO G . 6.49 3.89 -9.08
O1 EDO G . 6.85 5.27 -8.95
C2 EDO G . 6.98 3.07 -10.27
O2 EDO G . 6.40 3.33 -11.60
#